data_9DKC
#
_entry.id   9DKC
#
_cell.length_a   1.00
_cell.length_b   1.00
_cell.length_c   1.00
_cell.angle_alpha   90.00
_cell.angle_beta   90.00
_cell.angle_gamma   90.00
#
_symmetry.space_group_name_H-M   'P 1'
#
loop_
_entity.id
_entity.type
_entity.pdbx_description
1 polymer URAT1
2 non-polymer '2-({1-[(4-bromonaphthalen-1-yl)methyl]-1H-imidazo[4,5-b]pyridin-2-yl}sulfanyl)-2-methylpropanoic acid'
#
_entity_poly.entity_id   1
_entity_poly.type   'polypeptide(L)'
_entity_poly.pdbx_seq_one_letter_code
;MAFSELLDQVGGLGRFQVLQTVALVVPIMWLCTQSMLENFSAAVPSHRCWVPLLDNSTAQASVPGALGPEALLAVSIPPG
PNQGPHQCRRFRQPQWQLLDPNATATNWSEAATEPCVDGWVYDRSTFTSTIVAKWDLVCDSQALKPMAQSIYLAGILVGA
AVCGPASDRFGRRLVLTWSYLQMAVSGTAAAFAPTFPVYCLFRFLVAFAVAGVMMNTGTLVMEWTSAQARPLVMTLNSLG
FSFGHVLMAAVAYGVRDWALLQLVVSVPFFLCFVYSCWLAESARWLLITGRLDRGLRELQRVAAINGKRAVGDTLTPQVL
LSAMQEELSVGQAPASLGTLLRTPGLRLRTCISTLCWFAFGFTFFGLALDLQALGSNIFLLQVLIGVVDIPAKIGTLLLL
SRLGRRPTQAASLVLAGLCILANTLVPHEMGALRSALAVLGLGGLGAAFTCITIYSGELFPTVLRMTAVGLGQMAARGGA
ILGPLVRLLGVHGPWLPLLVYGTVPVLSGLAALLLPET
;
_entity_poly.pdbx_strand_id   A
#
# COMPACT_ATOMS: atom_id res chain seq x y z
N ALA A 2 -4.19 -11.96 -28.10
CA ALA A 2 -4.58 -13.03 -28.99
C ALA A 2 -3.40 -13.92 -29.32
N PHE A 3 -3.55 -14.78 -30.33
CA PHE A 3 -2.45 -15.61 -30.78
C PHE A 3 -1.38 -14.74 -31.43
N SER A 4 -0.16 -15.27 -31.47
CA SER A 4 0.97 -14.50 -31.96
C SER A 4 0.76 -14.06 -33.41
N GLU A 5 0.25 -14.95 -34.26
CA GLU A 5 0.06 -14.60 -35.66
C GLU A 5 -0.94 -13.48 -35.81
N LEU A 6 -2.09 -13.58 -35.14
CA LEU A 6 -3.12 -12.56 -35.26
C LEU A 6 -2.64 -11.22 -34.71
N LEU A 7 -1.98 -11.25 -33.55
CA LEU A 7 -1.48 -10.01 -32.97
C LEU A 7 -0.44 -9.36 -33.87
N ASP A 8 0.45 -10.16 -34.46
CA ASP A 8 1.44 -9.62 -35.38
C ASP A 8 0.77 -9.02 -36.61
N GLN A 9 -0.26 -9.69 -37.14
CA GLN A 9 -0.98 -9.14 -38.28
C GLN A 9 -1.62 -7.80 -37.93
N VAL A 10 -2.22 -7.71 -36.74
CA VAL A 10 -2.81 -6.45 -36.30
C VAL A 10 -1.70 -5.42 -36.05
N GLY A 11 -0.57 -5.87 -35.51
CA GLY A 11 0.51 -4.97 -35.16
C GLY A 11 0.91 -5.07 -33.70
N GLY A 12 2.14 -5.49 -33.44
CA GLY A 12 2.58 -5.68 -32.07
C GLY A 12 2.61 -4.38 -31.29
N LEU A 13 3.17 -3.33 -31.88
CA LEU A 13 3.29 -2.03 -31.24
C LEU A 13 2.75 -0.95 -32.17
N GLY A 14 1.90 -0.09 -31.65
CA GLY A 14 1.32 0.97 -32.43
C GLY A 14 0.60 1.98 -31.57
N ARG A 15 -0.25 2.78 -32.22
CA ARG A 15 -0.95 3.84 -31.50
C ARG A 15 -1.72 3.28 -30.31
N PHE A 16 -2.48 2.20 -30.52
CA PHE A 16 -3.37 1.72 -29.48
C PHE A 16 -2.60 1.32 -28.23
N GLN A 17 -1.43 0.70 -28.40
CA GLN A 17 -0.64 0.30 -27.24
C GLN A 17 -0.26 1.52 -26.40
N VAL A 18 0.20 2.59 -27.06
CA VAL A 18 0.59 3.79 -26.32
C VAL A 18 -0.61 4.41 -25.64
N LEU A 19 -1.74 4.51 -26.34
CA LEU A 19 -2.92 5.12 -25.76
C LEU A 19 -3.39 4.34 -24.54
N GLN A 20 -3.45 3.01 -24.66
CA GLN A 20 -3.92 2.18 -23.55
C GLN A 20 -2.96 2.26 -22.36
N THR A 21 -1.64 2.24 -22.62
CA THR A 21 -0.69 2.35 -21.53
C THR A 21 -0.83 3.70 -20.81
N VAL A 22 -0.97 4.78 -21.58
CA VAL A 22 -1.14 6.09 -20.98
C VAL A 22 -2.41 6.14 -20.14
N ALA A 23 -3.49 5.56 -20.65
CA ALA A 23 -4.75 5.56 -19.91
C ALA A 23 -4.64 4.75 -18.62
N LEU A 24 -3.97 3.60 -18.68
CA LEU A 24 -3.99 2.68 -17.54
C LEU A 24 -2.96 3.03 -16.47
N VAL A 25 -1.84 3.66 -16.84
CA VAL A 25 -0.83 3.96 -15.84
C VAL A 25 -1.31 5.05 -14.88
N VAL A 26 -2.06 6.03 -15.39
CA VAL A 26 -2.41 7.19 -14.56
C VAL A 26 -3.20 6.78 -13.31
N PRO A 27 -4.23 5.95 -13.39
CA PRO A 27 -4.96 5.58 -12.17
C PRO A 27 -4.12 4.87 -11.12
N ILE A 28 -2.98 4.33 -11.53
CA ILE A 28 -2.10 3.62 -10.61
C ILE A 28 -1.48 4.56 -9.59
N MET A 29 -1.26 5.81 -9.95
CA MET A 29 -0.78 6.82 -9.00
C MET A 29 -1.84 7.14 -7.97
N TRP A 30 -3.09 7.14 -8.37
CA TRP A 30 -4.16 7.37 -7.39
C TRP A 30 -4.49 6.06 -6.70
N LEU A 31 -3.97 4.90 -7.12
CA LEU A 31 -4.20 3.61 -6.41
C LEU A 31 -3.12 3.47 -5.36
N CYS A 32 -2.16 4.40 -5.31
CA CYS A 32 -1.06 4.40 -4.32
C CYS A 32 -1.33 5.58 -3.40
N THR A 33 -1.91 6.62 -3.93
CA THR A 33 -2.32 7.69 -3.03
C THR A 33 -3.38 7.20 -2.05
N GLN A 34 -4.36 6.43 -2.55
CA GLN A 34 -5.38 5.86 -1.68
C GLN A 34 -4.76 4.92 -0.65
N SER A 35 -3.83 4.08 -1.05
CA SER A 35 -3.21 3.19 -0.05
C SER A 35 -2.41 3.93 0.99
N MET A 36 -1.70 4.98 0.61
CA MET A 36 -0.86 5.68 1.56
C MET A 36 -1.54 6.87 2.23
N LEU A 37 -2.83 7.09 1.97
CA LEU A 37 -3.54 8.20 2.60
C LEU A 37 -3.58 8.09 4.12
N GLU A 38 -3.33 6.91 4.69
CA GLU A 38 -3.46 6.74 6.13
C GLU A 38 -2.44 7.59 6.89
N ASN A 39 -1.23 7.74 6.34
CA ASN A 39 -0.19 8.48 7.05
C ASN A 39 -0.64 9.91 7.37
N PHE A 40 -1.51 10.48 6.53
CA PHE A 40 -1.94 11.86 6.69
C PHE A 40 -3.35 12.02 7.22
N SER A 41 -4.25 11.09 6.91
CA SER A 41 -5.62 11.18 7.38
C SER A 41 -5.84 10.48 8.72
N ALA A 42 -4.79 9.93 9.32
CA ALA A 42 -4.90 9.24 10.61
C ALA A 42 -3.74 9.61 11.53
N ALA A 43 -3.23 10.84 11.42
CA ALA A 43 -2.11 11.26 12.25
C ALA A 43 -2.54 11.35 13.71
N VAL A 44 -1.57 11.18 14.60
CA VAL A 44 -1.80 11.25 16.04
C VAL A 44 -1.13 12.52 16.57
N PRO A 45 -1.89 13.58 16.85
CA PRO A 45 -1.29 14.77 17.47
C PRO A 45 -1.31 14.69 18.98
N SER A 46 -0.50 15.54 19.60
CA SER A 46 -0.44 15.59 21.06
C SER A 46 -1.83 15.87 21.62
N HIS A 47 -2.25 15.04 22.58
CA HIS A 47 -3.60 15.09 23.12
C HIS A 47 -3.53 15.26 24.64
N ARG A 48 -3.61 16.50 25.09
CA ARG A 48 -3.72 16.78 26.51
C ARG A 48 -5.13 16.47 26.99
N CYS A 49 -5.27 16.35 28.31
CA CYS A 49 -6.58 16.15 28.92
C CYS A 49 -7.29 17.48 29.10
N TRP A 50 -8.59 17.51 28.77
CA TRP A 50 -9.39 18.71 28.98
C TRP A 50 -9.38 19.10 30.45
N VAL A 51 -9.20 20.40 30.70
CA VAL A 51 -9.19 20.93 32.05
C VAL A 51 -10.09 22.17 32.13
N PRO A 52 -11.01 22.25 33.09
CA PRO A 52 -11.88 23.44 33.16
C PRO A 52 -11.16 24.72 33.49
N LEU A 53 -9.96 24.65 34.08
CA LEU A 53 -9.26 25.87 34.47
C LEU A 53 -8.86 26.70 33.24
N LEU A 54 -8.43 26.02 32.18
CA LEU A 54 -7.89 26.72 31.00
C LEU A 54 -8.97 26.97 29.95
N ASP A 55 -9.63 25.90 29.49
CA ASP A 55 -10.55 26.03 28.36
C ASP A 55 -11.74 26.92 28.72
N ASN A 56 -12.32 26.74 29.90
CA ASN A 56 -13.43 27.57 30.34
C ASN A 56 -12.87 28.92 30.78
N SER A 57 -13.08 29.95 29.96
CA SER A 57 -12.43 31.24 30.19
C SER A 57 -12.87 31.86 31.52
N THR A 58 -14.08 31.53 31.99
CA THR A 58 -14.58 32.16 33.21
C THR A 58 -13.68 31.85 34.40
N ALA A 59 -13.33 30.58 34.58
CA ALA A 59 -12.50 30.19 35.72
C ALA A 59 -11.12 30.84 35.64
N GLN A 60 -10.50 30.82 34.46
CA GLN A 60 -9.18 31.40 34.32
C GLN A 60 -9.20 32.90 34.59
N ALA A 61 -10.21 33.60 34.08
CA ALA A 61 -10.33 35.04 34.32
C ALA A 61 -10.70 35.36 35.76
N SER A 62 -11.29 34.40 36.48
CA SER A 62 -11.68 34.66 37.86
C SER A 62 -10.46 34.99 38.73
N VAL A 63 -9.37 34.25 38.54
CA VAL A 63 -8.17 34.51 39.34
C VAL A 63 -7.64 35.90 39.02
N PRO A 64 -7.31 36.71 40.02
CA PRO A 64 -6.78 38.06 39.73
C PRO A 64 -5.47 37.98 38.95
N GLY A 65 -5.28 38.97 38.08
CA GLY A 65 -4.07 39.00 37.29
C GLY A 65 -4.07 37.93 36.21
N ALA A 66 -2.87 37.60 35.75
CA ALA A 66 -2.67 36.60 34.70
C ALA A 66 -1.67 35.56 35.18
N LEU A 67 -1.93 34.31 34.82
CA LEU A 67 -1.00 33.21 35.06
C LEU A 67 -0.66 32.57 33.72
N GLY A 68 0.63 32.44 33.45
CA GLY A 68 1.09 31.90 32.19
C GLY A 68 0.57 30.49 31.97
N PRO A 69 0.23 30.15 30.72
CA PRO A 69 -0.30 28.81 30.47
C PRO A 69 0.65 27.69 30.88
N GLU A 70 1.95 27.88 30.65
CA GLU A 70 2.92 26.85 31.03
C GLU A 70 2.92 26.62 32.53
N ALA A 71 2.82 27.70 33.33
CA ALA A 71 2.85 27.55 34.78
C ALA A 71 1.53 27.03 35.31
N LEU A 72 0.42 27.40 34.66
CA LEU A 72 -0.90 26.97 35.10
C LEU A 72 -1.26 25.58 34.59
N LEU A 73 -0.47 25.01 33.68
CA LEU A 73 -0.73 23.65 33.22
C LEU A 73 -0.27 22.61 34.23
N ALA A 74 0.82 22.87 34.95
CA ALA A 74 1.35 21.89 35.90
C ALA A 74 0.34 21.61 37.00
N VAL A 75 -0.36 22.63 37.47
CA VAL A 75 -1.27 22.47 38.61
C VAL A 75 -2.38 21.48 38.32
N SER A 76 -2.63 21.16 37.04
CA SER A 76 -3.74 20.28 36.69
C SER A 76 -3.34 19.15 35.74
N ILE A 77 -2.04 18.86 35.59
CA ILE A 77 -1.61 17.73 34.78
C ILE A 77 -0.41 17.07 35.45
N PRO A 78 -0.50 15.81 35.87
CA PRO A 78 0.66 15.16 36.48
C PRO A 78 1.80 15.06 35.49
N PRO A 79 3.05 15.13 35.98
CA PRO A 79 4.19 14.97 35.07
C PRO A 79 4.28 13.55 34.52
N GLY A 80 4.04 13.40 33.21
CA GLY A 80 4.07 12.10 32.59
C GLY A 80 5.48 11.65 32.29
N PRO A 81 5.58 10.45 31.73
CA PRO A 81 6.90 9.90 31.39
C PRO A 81 7.58 10.70 30.30
N ASN A 82 8.91 10.68 30.32
CA ASN A 82 9.73 11.37 29.33
C ASN A 82 9.61 12.89 29.46
N GLN A 83 9.50 13.37 30.69
CA GLN A 83 9.44 14.80 30.99
C GLN A 83 8.37 15.48 30.14
N GLY A 84 7.13 15.04 30.34
CA GLY A 84 6.01 15.59 29.61
C GLY A 84 4.71 15.47 30.38
N PRO A 85 3.64 16.02 29.83
CA PRO A 85 2.33 15.94 30.49
C PRO A 85 1.65 14.61 30.21
N HIS A 86 1.04 14.04 31.25
CA HIS A 86 0.36 12.77 31.11
C HIS A 86 -0.70 12.87 30.02
N GLN A 87 -0.71 11.88 29.11
CA GLN A 87 -1.58 11.94 27.96
C GLN A 87 -3.03 11.60 28.30
N CYS A 88 -3.26 10.79 29.33
CA CYS A 88 -4.60 10.30 29.64
C CYS A 88 -4.87 10.37 31.14
N ARG A 89 -4.52 11.49 31.76
CA ARG A 89 -4.78 11.67 33.19
C ARG A 89 -4.97 13.15 33.47
N ARG A 90 -5.54 13.42 34.65
CA ARG A 90 -5.72 14.80 35.10
C ARG A 90 -5.83 14.79 36.62
N PHE A 91 -5.51 15.93 37.22
CA PHE A 91 -5.62 16.06 38.66
C PHE A 91 -7.08 16.15 39.08
N ARG A 92 -7.41 15.47 40.19
CA ARG A 92 -8.77 15.56 40.70
C ARG A 92 -9.11 16.96 41.16
N GLN A 93 -8.17 17.64 41.80
CA GLN A 93 -8.33 19.02 42.23
C GLN A 93 -7.05 19.79 41.93
N PRO A 94 -7.15 21.10 41.74
CA PRO A 94 -5.93 21.89 41.51
C PRO A 94 -5.03 21.88 42.74
N GLN A 95 -3.72 21.89 42.48
CA GLN A 95 -2.70 21.86 43.53
C GLN A 95 -1.75 23.03 43.31
N TRP A 96 -1.96 24.12 44.06
CA TRP A 96 -1.10 25.28 43.95
C TRP A 96 0.29 25.03 44.52
N GLN A 97 0.47 23.95 45.29
CA GLN A 97 1.79 23.67 45.86
C GLN A 97 2.81 23.40 44.76
N LEU A 98 2.40 22.70 43.70
CA LEU A 98 3.29 22.46 42.57
C LEU A 98 3.59 23.74 41.79
N LEU A 99 2.87 24.83 42.05
CA LEU A 99 3.11 26.06 41.31
C LEU A 99 4.51 26.60 41.59
N ASP A 100 4.96 26.54 42.83
CA ASP A 100 6.28 27.04 43.18
C ASP A 100 7.35 26.16 42.57
N PRO A 101 8.25 26.71 41.73
CA PRO A 101 9.29 25.86 41.12
C PRO A 101 10.24 25.24 42.12
N ASN A 102 10.36 25.81 43.32
CA ASN A 102 11.32 25.29 44.29
C ASN A 102 11.00 23.86 44.69
N ALA A 103 9.73 23.57 44.97
CA ALA A 103 9.35 22.25 45.43
C ALA A 103 9.54 21.21 44.33
N THR A 104 10.07 20.05 44.72
CA THR A 104 10.32 18.97 43.76
C THR A 104 9.00 18.41 43.24
N ALA A 105 8.96 18.16 41.94
CA ALA A 105 7.76 17.65 41.28
C ALA A 105 7.60 16.15 41.41
N THR A 106 8.54 15.47 42.06
CA THR A 106 8.41 14.03 42.26
C THR A 106 7.18 13.70 43.10
N ASN A 107 6.92 14.48 44.15
CA ASN A 107 5.75 14.25 44.97
C ASN A 107 4.45 14.45 44.18
N TRP A 108 4.48 15.27 43.14
CA TRP A 108 3.33 15.48 42.28
C TRP A 108 3.33 14.41 41.19
N SER A 109 2.37 13.49 41.27
CA SER A 109 2.28 12.39 40.32
C SER A 109 0.80 12.09 40.07
N GLU A 110 0.56 11.08 39.21
CA GLU A 110 -0.79 10.67 38.86
C GLU A 110 -1.34 9.60 39.79
N ALA A 111 -0.75 9.46 40.98
CA ALA A 111 -1.27 8.49 41.95
C ALA A 111 -2.68 8.86 42.38
N ALA A 112 -2.92 10.15 42.63
CA ALA A 112 -4.23 10.66 43.03
C ALA A 112 -4.90 11.45 41.92
N THR A 113 -4.71 11.03 40.68
CA THR A 113 -5.27 11.70 39.52
C THR A 113 -6.62 11.08 39.15
N GLU A 114 -7.17 11.47 38.01
CA GLU A 114 -8.44 10.98 37.51
C GLU A 114 -8.34 10.79 36.01
N PRO A 115 -9.22 9.96 35.42
CA PRO A 115 -9.18 9.78 33.97
C PRO A 115 -9.73 10.98 33.21
N CYS A 116 -9.63 10.95 31.88
CA CYS A 116 -10.10 12.07 31.04
C CYS A 116 -11.61 11.95 30.87
N VAL A 117 -12.33 12.44 31.88
CA VAL A 117 -13.79 12.36 31.86
C VAL A 117 -14.37 13.29 30.81
N ASP A 118 -13.82 14.51 30.70
CA ASP A 118 -14.41 15.56 29.88
C ASP A 118 -13.86 15.59 28.46
N GLY A 119 -12.98 14.66 28.09
CA GLY A 119 -12.45 14.60 26.75
C GLY A 119 -11.02 15.12 26.66
N TRP A 120 -10.50 15.10 25.45
CA TRP A 120 -9.12 15.47 25.17
C TRP A 120 -9.07 16.77 24.37
N VAL A 121 -7.97 17.49 24.52
CA VAL A 121 -7.69 18.69 23.75
C VAL A 121 -6.50 18.40 22.86
N TYR A 122 -6.66 18.60 21.55
CA TYR A 122 -5.67 18.25 20.57
C TYR A 122 -4.97 19.50 20.03
N ASP A 123 -4.07 19.29 19.07
CA ASP A 123 -3.28 20.36 18.48
C ASP A 123 -3.69 20.54 17.02
N ARG A 124 -3.93 21.80 16.64
CA ARG A 124 -4.35 22.13 15.28
C ARG A 124 -3.27 22.89 14.52
N SER A 125 -2.03 22.87 15.01
CA SER A 125 -0.97 23.66 14.39
C SER A 125 -0.60 23.10 13.01
N THR A 126 -0.41 21.78 12.92
CA THR A 126 0.01 21.14 11.69
C THR A 126 -1.15 20.56 10.90
N PHE A 127 -1.99 19.75 11.54
CA PHE A 127 -3.20 19.21 10.93
C PHE A 127 -4.41 19.93 11.50
N THR A 128 -5.27 20.43 10.62
CA THR A 128 -6.48 21.11 11.09
C THR A 128 -7.47 20.13 11.70
N SER A 129 -7.57 18.93 11.12
CA SER A 129 -8.46 17.90 11.63
C SER A 129 -7.90 16.53 11.29
N THR A 130 -8.32 15.54 12.06
CA THR A 130 -7.88 14.17 11.84
C THR A 130 -8.92 13.21 12.41
N ILE A 131 -8.89 11.98 11.90
CA ILE A 131 -9.83 10.97 12.37
C ILE A 131 -9.62 10.68 13.85
N VAL A 132 -8.36 10.67 14.28
CA VAL A 132 -8.05 10.40 15.69
C VAL A 132 -8.67 11.46 16.57
N ALA A 133 -8.57 12.73 16.17
CA ALA A 133 -9.15 13.80 16.95
C ALA A 133 -10.67 13.85 16.84
N LYS A 134 -11.24 13.21 15.81
CA LYS A 134 -12.69 13.24 15.63
C LYS A 134 -13.38 12.12 16.42
N TRP A 135 -12.80 10.93 16.48
CA TRP A 135 -13.42 9.81 17.18
C TRP A 135 -12.62 9.38 18.42
N ASP A 136 -11.76 10.24 18.94
CA ASP A 136 -11.05 10.00 20.20
C ASP A 136 -10.38 8.63 20.20
N LEU A 137 -9.61 8.36 19.14
CA LEU A 137 -8.86 7.11 19.03
C LEU A 137 -7.51 7.23 19.74
N VAL A 138 -7.58 7.46 21.04
CA VAL A 138 -6.40 7.62 21.89
C VAL A 138 -6.62 6.87 23.20
N CYS A 139 -5.54 6.73 23.97
CA CYS A 139 -5.60 6.11 25.29
C CYS A 139 -6.15 4.69 25.22
N ASP A 140 -7.40 4.49 25.64
CA ASP A 140 -7.99 3.16 25.62
C ASP A 140 -8.42 2.73 24.22
N SER A 141 -8.66 3.68 23.32
CA SER A 141 -9.00 3.39 21.94
C SER A 141 -7.78 3.40 21.04
N GLN A 142 -6.58 3.48 21.61
CA GLN A 142 -5.37 3.54 20.80
C GLN A 142 -5.27 2.34 19.86
N ALA A 143 -5.55 1.15 20.39
CA ALA A 143 -5.45 -0.05 19.57
C ALA A 143 -6.38 -0.01 18.36
N LEU A 144 -7.42 0.83 18.40
CA LEU A 144 -8.33 0.93 17.27
C LEU A 144 -7.70 1.59 16.05
N LYS A 145 -6.52 2.20 16.19
CA LYS A 145 -5.90 2.84 15.04
C LYS A 145 -5.26 1.78 14.13
N PRO A 146 -4.39 0.91 14.62
CA PRO A 146 -3.85 -0.15 13.74
C PRO A 146 -4.93 -1.05 13.19
N MET A 147 -5.99 -1.32 13.95
CA MET A 147 -7.06 -2.19 13.47
C MET A 147 -7.62 -1.65 12.15
N ALA A 148 -7.92 -0.36 12.08
CA ALA A 148 -8.43 0.23 10.85
C ALA A 148 -7.46 0.03 9.70
N GLN A 149 -6.15 0.03 9.98
CA GLN A 149 -5.17 -0.23 8.94
C GLN A 149 -5.18 -1.68 8.49
N SER A 150 -5.45 -2.60 9.41
CA SER A 150 -5.47 -4.02 9.06
C SER A 150 -6.69 -4.36 8.21
N ILE A 151 -7.87 -3.89 8.63
CA ILE A 151 -9.10 -4.22 7.91
C ILE A 151 -8.98 -3.83 6.44
N TYR A 152 -8.48 -2.63 6.18
CA TYR A 152 -8.29 -2.21 4.80
C TYR A 152 -7.50 -3.25 4.02
N LEU A 153 -6.37 -3.69 4.58
CA LEU A 153 -5.54 -4.71 3.94
C LEU A 153 -6.30 -6.01 3.78
N ALA A 154 -7.11 -6.36 4.74
CA ALA A 154 -7.93 -7.54 4.63
C ALA A 154 -8.77 -7.48 3.37
N GLY A 155 -9.35 -6.32 3.08
CA GLY A 155 -10.19 -6.20 1.89
C GLY A 155 -9.44 -6.63 0.64
N ILE A 156 -8.22 -6.17 0.52
CA ILE A 156 -7.40 -6.51 -0.61
C ILE A 156 -7.27 -8.01 -0.78
N LEU A 157 -7.06 -8.73 0.31
CA LEU A 157 -6.95 -10.18 0.27
C LEU A 157 -8.23 -10.81 -0.27
N VAL A 158 -9.38 -10.29 0.17
CA VAL A 158 -10.63 -10.86 -0.31
C VAL A 158 -10.86 -10.49 -1.78
N GLY A 159 -10.43 -9.30 -2.19
CA GLY A 159 -10.66 -8.88 -3.57
C GLY A 159 -10.06 -9.87 -4.56
N ALA A 160 -8.77 -10.19 -4.39
CA ALA A 160 -8.12 -11.13 -5.28
C ALA A 160 -8.77 -12.52 -5.21
N ALA A 161 -9.53 -12.80 -4.16
CA ALA A 161 -10.21 -14.09 -4.07
C ALA A 161 -11.51 -14.10 -4.86
N VAL A 162 -12.11 -12.93 -5.10
CA VAL A 162 -13.35 -12.84 -5.84
C VAL A 162 -13.18 -12.20 -7.20
N CYS A 163 -12.15 -11.36 -7.38
CA CYS A 163 -11.85 -10.79 -8.70
C CYS A 163 -11.06 -11.74 -9.57
N GLY A 164 -10.66 -12.90 -9.05
CA GLY A 164 -9.93 -13.88 -9.81
C GLY A 164 -10.81 -14.64 -10.77
N PRO A 165 -11.78 -15.38 -10.23
CA PRO A 165 -12.67 -16.17 -11.10
C PRO A 165 -13.69 -15.32 -11.84
N ALA A 166 -14.20 -14.28 -11.16
CA ALA A 166 -15.22 -13.43 -11.78
C ALA A 166 -14.70 -12.81 -13.07
N SER A 167 -13.51 -12.21 -13.01
CA SER A 167 -12.92 -11.62 -14.21
C SER A 167 -12.61 -12.67 -15.26
N ASP A 168 -12.54 -13.95 -14.88
CA ASP A 168 -12.33 -15.02 -15.83
C ASP A 168 -13.62 -15.49 -16.49
N ARG A 169 -14.78 -14.99 -16.05
CA ARG A 169 -16.06 -15.37 -16.61
C ARG A 169 -16.75 -14.24 -17.35
N PHE A 170 -16.76 -13.03 -16.77
CA PHE A 170 -17.43 -11.89 -17.39
C PHE A 170 -16.53 -11.10 -18.32
N GLY A 171 -15.23 -11.03 -18.02
CA GLY A 171 -14.30 -10.29 -18.85
C GLY A 171 -13.33 -9.46 -18.02
N ARG A 172 -12.42 -8.76 -18.69
CA ARG A 172 -11.45 -7.91 -18.00
C ARG A 172 -11.94 -6.47 -17.92
N ARG A 173 -12.38 -5.91 -19.05
CA ARG A 173 -12.80 -4.51 -19.08
C ARG A 173 -14.01 -4.27 -18.19
N LEU A 174 -14.95 -5.21 -18.18
CA LEU A 174 -16.15 -5.06 -17.34
C LEU A 174 -15.76 -4.95 -15.87
N VAL A 175 -14.91 -5.87 -15.41
CA VAL A 175 -14.49 -5.85 -14.01
C VAL A 175 -13.71 -4.57 -13.71
N LEU A 176 -12.85 -4.15 -14.64
CA LEU A 176 -12.07 -2.94 -14.42
C LEU A 176 -12.97 -1.72 -14.28
N THR A 177 -13.94 -1.57 -15.17
CA THR A 177 -14.85 -0.43 -15.11
C THR A 177 -15.67 -0.46 -13.83
N TRP A 178 -16.20 -1.64 -13.46
CA TRP A 178 -16.98 -1.74 -12.24
C TRP A 178 -16.14 -1.40 -11.01
N SER A 179 -14.88 -1.85 -11.00
CA SER A 179 -14.02 -1.55 -9.87
C SER A 179 -13.70 -0.07 -9.79
N TYR A 180 -13.51 0.60 -10.93
CA TYR A 180 -13.35 2.04 -10.91
C TYR A 180 -14.57 2.72 -10.29
N LEU A 181 -15.76 2.30 -10.72
CA LEU A 181 -16.98 2.90 -10.19
C LEU A 181 -17.08 2.69 -8.68
N GLN A 182 -16.80 1.47 -8.23
CA GLN A 182 -16.89 1.16 -6.80
C GLN A 182 -15.86 1.97 -6.01
N MET A 183 -14.64 2.08 -6.53
CA MET A 183 -13.63 2.90 -5.86
C MET A 183 -14.12 4.33 -5.70
N ALA A 184 -14.63 4.91 -6.78
CA ALA A 184 -15.07 6.30 -6.71
C ALA A 184 -16.19 6.47 -5.70
N VAL A 185 -17.19 5.59 -5.75
CA VAL A 185 -18.36 5.74 -4.87
C VAL A 185 -17.95 5.55 -3.41
N SER A 186 -17.17 4.51 -3.12
CA SER A 186 -16.79 4.25 -1.74
C SER A 186 -15.90 5.37 -1.20
N GLY A 187 -14.97 5.87 -2.01
CA GLY A 187 -14.14 6.96 -1.56
C GLY A 187 -14.93 8.22 -1.30
N THR A 188 -15.90 8.53 -2.17
CA THR A 188 -16.73 9.71 -1.95
C THR A 188 -17.58 9.56 -0.71
N ALA A 189 -18.06 8.34 -0.44
CA ALA A 189 -18.93 8.13 0.71
C ALA A 189 -18.17 8.11 2.03
N ALA A 190 -16.94 7.61 2.03
CA ALA A 190 -16.20 7.46 3.29
C ALA A 190 -15.95 8.80 3.97
N ALA A 191 -15.90 9.89 3.19
CA ALA A 191 -15.59 11.19 3.78
C ALA A 191 -16.70 11.68 4.71
N PHE A 192 -17.93 11.22 4.50
CA PHE A 192 -19.08 11.67 5.27
C PHE A 192 -19.49 10.68 6.35
N ALA A 193 -18.68 9.67 6.62
CA ALA A 193 -19.05 8.64 7.59
C ALA A 193 -19.19 9.26 8.98
N PRO A 194 -20.34 9.17 9.62
CA PRO A 194 -20.51 9.76 10.96
C PRO A 194 -20.08 8.88 12.13
N THR A 195 -19.65 7.64 11.88
CA THR A 195 -19.27 6.75 12.97
C THR A 195 -18.16 5.83 12.47
N PHE A 196 -17.32 5.37 13.41
CA PHE A 196 -16.12 4.62 13.04
C PHE A 196 -16.42 3.36 12.23
N PRO A 197 -17.36 2.48 12.63
CA PRO A 197 -17.59 1.27 11.82
C PRO A 197 -17.99 1.55 10.39
N VAL A 198 -18.75 2.62 10.15
CA VAL A 198 -19.12 2.98 8.78
C VAL A 198 -17.88 3.30 7.97
N TYR A 199 -16.96 4.08 8.55
CA TYR A 199 -15.72 4.41 7.84
C TYR A 199 -14.91 3.15 7.57
N CYS A 200 -14.85 2.25 8.55
CA CYS A 200 -14.09 1.01 8.35
C CYS A 200 -14.69 0.18 7.22
N LEU A 201 -16.01 0.09 7.17
CA LEU A 201 -16.67 -0.66 6.11
C LEU A 201 -16.36 -0.07 4.74
N PHE A 202 -16.45 1.26 4.63
CA PHE A 202 -16.19 1.89 3.34
C PHE A 202 -14.72 1.74 2.94
N ARG A 203 -13.80 1.79 3.91
CA ARG A 203 -12.40 1.55 3.60
C ARG A 203 -12.18 0.13 3.11
N PHE A 204 -12.84 -0.84 3.73
CA PHE A 204 -12.73 -2.23 3.26
C PHE A 204 -13.24 -2.37 1.84
N LEU A 205 -14.37 -1.73 1.51
CA LEU A 205 -14.88 -1.80 0.14
C LEU A 205 -13.90 -1.15 -0.84
N VAL A 206 -13.31 -0.02 -0.43
CA VAL A 206 -12.30 0.62 -1.27
C VAL A 206 -11.14 -0.33 -1.54
N ALA A 207 -10.70 -1.05 -0.50
CA ALA A 207 -9.62 -2.01 -0.68
C ALA A 207 -10.00 -3.12 -1.66
N PHE A 208 -11.24 -3.62 -1.55
CA PHE A 208 -11.73 -4.62 -2.49
C PHE A 208 -11.60 -4.11 -3.93
N ALA A 209 -12.13 -2.92 -4.19
CA ALA A 209 -12.07 -2.36 -5.54
C ALA A 209 -10.63 -2.14 -5.98
N VAL A 210 -9.74 -1.77 -5.05
CA VAL A 210 -8.32 -1.54 -5.38
C VAL A 210 -7.60 -2.80 -5.77
N ALA A 211 -7.96 -3.90 -5.14
CA ALA A 211 -7.40 -5.19 -5.56
C ALA A 211 -7.92 -5.57 -6.94
N GLY A 212 -9.21 -5.38 -7.19
CA GLY A 212 -9.75 -5.70 -8.50
C GLY A 212 -9.06 -4.93 -9.60
N VAL A 213 -8.91 -3.62 -9.42
CA VAL A 213 -8.24 -2.79 -10.41
C VAL A 213 -6.81 -3.27 -10.60
N MET A 214 -6.09 -3.52 -9.54
CA MET A 214 -4.70 -3.93 -9.66
C MET A 214 -4.53 -5.19 -10.47
N MET A 215 -5.35 -6.19 -10.22
CA MET A 215 -5.22 -7.41 -11.00
C MET A 215 -5.59 -7.17 -12.46
N ASN A 216 -6.72 -6.49 -12.70
CA ASN A 216 -7.26 -6.43 -14.05
C ASN A 216 -6.41 -5.55 -14.97
N THR A 217 -5.91 -4.45 -14.42
CA THR A 217 -5.09 -3.53 -15.18
C THR A 217 -3.87 -4.26 -15.66
N GLY A 218 -3.18 -5.13 -14.85
CA GLY A 218 -2.02 -5.92 -15.23
C GLY A 218 -2.35 -6.99 -16.26
N THR A 219 -3.45 -7.71 -16.05
CA THR A 219 -3.83 -8.73 -17.03
C THR A 219 -4.10 -8.12 -18.40
N LEU A 220 -4.84 -7.01 -18.44
CA LEU A 220 -5.17 -6.39 -19.71
C LEU A 220 -3.93 -5.88 -20.41
N VAL A 221 -3.00 -5.26 -19.68
CA VAL A 221 -1.77 -4.81 -20.31
C VAL A 221 -0.98 -5.99 -20.85
N MET A 222 -0.86 -7.06 -20.05
CA MET A 222 -0.05 -8.20 -20.46
C MET A 222 -0.57 -8.82 -21.75
N GLU A 223 -1.89 -8.99 -21.85
CA GLU A 223 -2.41 -9.74 -22.99
C GLU A 223 -2.12 -9.01 -24.30
N TRP A 224 -2.39 -7.70 -24.36
CA TRP A 224 -2.37 -7.01 -25.64
C TRP A 224 -0.96 -6.75 -26.16
N THR A 225 -0.03 -6.38 -25.28
CA THR A 225 1.30 -6.03 -25.74
C THR A 225 1.99 -7.24 -26.37
N SER A 226 2.84 -6.97 -27.35
CA SER A 226 3.57 -8.03 -28.01
C SER A 226 4.49 -8.74 -27.02
N ALA A 227 4.96 -9.92 -27.42
CA ALA A 227 5.72 -10.77 -26.51
C ALA A 227 7.05 -10.12 -26.11
N GLN A 228 7.73 -9.50 -27.06
CA GLN A 228 9.08 -9.00 -26.80
C GLN A 228 9.10 -7.81 -25.86
N ALA A 229 7.97 -7.15 -25.64
CA ALA A 229 7.92 -5.91 -24.87
C ALA A 229 7.04 -6.02 -23.62
N ARG A 230 6.95 -7.22 -23.02
CA ARG A 230 6.10 -7.39 -21.86
C ARG A 230 6.76 -6.85 -20.60
N PRO A 231 7.98 -7.30 -20.26
CA PRO A 231 8.61 -6.77 -19.03
C PRO A 231 8.84 -5.27 -19.08
N LEU A 232 9.13 -4.73 -20.26
CA LEU A 232 9.37 -3.30 -20.38
C LEU A 232 8.13 -2.49 -20.01
N VAL A 233 6.94 -3.01 -20.32
CA VAL A 233 5.72 -2.32 -19.96
C VAL A 233 5.35 -2.60 -18.51
N MET A 234 5.64 -3.80 -18.01
CA MET A 234 5.35 -4.11 -16.62
C MET A 234 6.15 -3.22 -15.68
N THR A 235 7.43 -2.97 -16.01
CA THR A 235 8.23 -2.08 -15.18
C THR A 235 7.70 -0.66 -15.22
N LEU A 236 7.11 -0.22 -16.34
CA LEU A 236 6.47 1.10 -16.38
C LEU A 236 5.25 1.13 -15.47
N ASN A 237 4.53 0.03 -15.46
CA ASN A 237 3.37 -0.10 -14.62
C ASN A 237 3.81 -0.04 -13.18
N SER A 238 5.00 -0.52 -12.88
CA SER A 238 5.48 -0.50 -11.52
C SER A 238 5.99 0.89 -11.13
N LEU A 239 6.58 1.59 -12.09
CA LEU A 239 7.10 2.93 -11.87
C LEU A 239 5.96 3.93 -11.66
N GLY A 240 4.80 3.68 -12.25
CA GLY A 240 3.64 4.53 -11.98
C GLY A 240 3.26 4.51 -10.50
N PHE A 241 3.24 3.32 -9.93
CA PHE A 241 2.91 3.17 -8.53
C PHE A 241 3.96 3.81 -7.65
N SER A 242 5.21 3.85 -8.12
CA SER A 242 6.30 4.47 -7.39
C SER A 242 6.20 5.98 -7.45
N PHE A 243 5.74 6.54 -8.56
CA PHE A 243 5.48 7.99 -8.60
C PHE A 243 4.24 8.37 -7.80
N GLY A 244 3.36 7.41 -7.54
CA GLY A 244 2.23 7.67 -6.66
C GLY A 244 2.64 8.27 -5.34
N HIS A 245 3.83 7.90 -4.82
CA HIS A 245 4.30 8.46 -3.56
C HIS A 245 4.56 9.96 -3.68
N VAL A 246 5.22 10.39 -4.75
CA VAL A 246 5.43 11.82 -4.94
C VAL A 246 4.11 12.54 -5.08
N LEU A 247 3.16 11.94 -5.79
CA LEU A 247 1.85 12.56 -5.89
C LEU A 247 1.20 12.72 -4.52
N MET A 248 1.26 11.68 -3.69
CA MET A 248 0.69 11.76 -2.35
C MET A 248 1.35 12.86 -1.54
N ALA A 249 2.68 12.96 -1.61
CA ALA A 249 3.37 14.01 -0.87
C ALA A 249 3.00 15.38 -1.37
N ALA A 250 2.74 15.52 -2.67
CA ALA A 250 2.40 16.83 -3.22
C ALA A 250 0.97 17.24 -2.87
N VAL A 251 0.06 16.27 -2.73
CA VAL A 251 -1.32 16.61 -2.45
C VAL A 251 -1.51 16.97 -0.98
N ALA A 252 -1.00 16.14 -0.07
CA ALA A 252 -1.25 16.34 1.35
C ALA A 252 -0.76 17.70 1.83
N TYR A 253 0.33 18.20 1.25
CA TYR A 253 0.87 19.49 1.67
C TYR A 253 -0.11 20.62 1.38
N GLY A 254 -1.08 20.42 0.49
CA GLY A 254 -2.02 21.46 0.13
C GLY A 254 -3.24 21.53 1.03
N VAL A 255 -3.96 20.41 1.16
CA VAL A 255 -5.16 20.35 1.98
C VAL A 255 -4.83 19.68 3.30
N ARG A 256 -5.20 20.34 4.40
CA ARG A 256 -4.99 19.84 5.75
C ARG A 256 -6.35 19.48 6.34
N ASP A 257 -6.80 18.25 6.07
CA ASP A 257 -8.09 17.78 6.55
C ASP A 257 -8.17 16.29 6.30
N TRP A 258 -9.15 15.65 6.93
CA TRP A 258 -9.35 14.22 6.78
C TRP A 258 -10.50 13.88 5.83
N ALA A 259 -11.44 14.80 5.61
CA ALA A 259 -12.53 14.58 4.67
C ALA A 259 -12.20 15.14 3.29
N LEU A 260 -11.70 16.38 3.24
CA LEU A 260 -11.35 16.98 1.96
C LEU A 260 -10.27 16.18 1.26
N LEU A 261 -9.27 15.71 2.00
CA LEU A 261 -8.20 14.92 1.39
C LEU A 261 -8.75 13.66 0.74
N GLN A 262 -9.58 12.92 1.47
CA GLN A 262 -10.14 11.68 0.93
C GLN A 262 -11.00 11.97 -0.29
N LEU A 263 -11.85 12.99 -0.21
CA LEU A 263 -12.71 13.31 -1.35
C LEU A 263 -11.89 13.69 -2.58
N VAL A 264 -10.85 14.52 -2.39
CA VAL A 264 -10.05 14.97 -3.52
C VAL A 264 -9.27 13.80 -4.11
N VAL A 265 -8.80 12.89 -3.27
CA VAL A 265 -8.07 11.73 -3.77
C VAL A 265 -8.99 10.81 -4.57
N SER A 266 -10.22 10.62 -4.10
CA SER A 266 -11.09 9.61 -4.68
C SER A 266 -12.04 10.14 -5.76
N VAL A 267 -12.08 11.45 -6.01
CA VAL A 267 -13.03 11.96 -7.00
C VAL A 267 -12.60 11.66 -8.44
N PRO A 268 -11.30 11.65 -8.79
CA PRO A 268 -10.94 11.46 -10.21
C PRO A 268 -11.36 10.10 -10.77
N PHE A 269 -11.65 9.13 -9.91
CA PHE A 269 -12.04 7.83 -10.42
C PHE A 269 -13.38 7.86 -11.13
N PHE A 270 -14.18 8.91 -10.93
CA PHE A 270 -15.37 9.08 -11.75
C PHE A 270 -14.99 9.29 -13.21
N LEU A 271 -14.03 10.18 -13.46
CA LEU A 271 -13.53 10.34 -14.83
C LEU A 271 -12.87 9.06 -15.32
N CYS A 272 -12.13 8.38 -14.44
CA CYS A 272 -11.50 7.12 -14.83
C CYS A 272 -12.55 6.13 -15.35
N PHE A 273 -13.66 6.00 -14.63
CA PHE A 273 -14.76 5.16 -15.09
C PHE A 273 -15.34 5.69 -16.40
N VAL A 274 -15.53 7.01 -16.49
CA VAL A 274 -16.25 7.57 -17.64
C VAL A 274 -15.50 7.29 -18.93
N TYR A 275 -14.19 7.52 -18.95
CA TYR A 275 -13.42 7.32 -20.16
C TYR A 275 -12.98 5.88 -20.36
N SER A 276 -13.24 5.00 -19.40
CA SER A 276 -12.81 3.61 -19.49
C SER A 276 -13.78 2.74 -20.28
N CYS A 277 -14.65 3.33 -21.08
CA CYS A 277 -15.59 2.58 -21.89
C CYS A 277 -15.13 2.37 -23.33
N TRP A 278 -14.15 3.14 -23.79
CA TRP A 278 -13.61 2.97 -25.14
C TRP A 278 -12.39 2.06 -25.17
N LEU A 279 -11.85 1.66 -24.02
CA LEU A 279 -10.81 0.65 -24.00
C LEU A 279 -11.39 -0.66 -24.55
N ALA A 280 -10.56 -1.41 -25.27
CA ALA A 280 -11.01 -2.62 -25.94
C ALA A 280 -10.86 -3.83 -25.02
N GLU A 281 -11.83 -4.74 -25.10
CA GLU A 281 -11.75 -5.99 -24.37
C GLU A 281 -10.81 -6.94 -25.08
N SER A 282 -9.94 -7.59 -24.32
CA SER A 282 -8.91 -8.44 -24.92
C SER A 282 -9.55 -9.53 -25.76
N ALA A 283 -9.07 -9.68 -26.99
CA ALA A 283 -9.60 -10.72 -27.87
C ALA A 283 -9.09 -12.10 -27.49
N ARG A 284 -7.96 -12.19 -26.79
CA ARG A 284 -7.46 -13.49 -26.36
C ARG A 284 -8.49 -14.20 -25.49
N TRP A 285 -9.01 -13.50 -24.48
CA TRP A 285 -10.03 -14.12 -23.62
C TRP A 285 -11.32 -14.37 -24.39
N LEU A 286 -11.68 -13.45 -25.29
CA LEU A 286 -12.94 -13.58 -26.01
C LEU A 286 -12.95 -14.83 -26.89
N LEU A 287 -11.85 -15.10 -27.59
CA LEU A 287 -11.84 -16.18 -28.57
C LEU A 287 -11.89 -17.56 -27.90
N ILE A 288 -11.14 -17.74 -26.81
CA ILE A 288 -11.08 -19.04 -26.17
C ILE A 288 -12.41 -19.38 -25.50
N THR A 289 -13.11 -18.39 -24.96
CA THR A 289 -14.36 -18.62 -24.24
C THR A 289 -15.57 -18.72 -25.17
N GLY A 290 -15.36 -18.98 -26.45
CA GLY A 290 -16.45 -19.15 -27.38
C GLY A 290 -17.02 -17.87 -27.96
N ARG A 291 -16.52 -16.71 -27.54
CA ARG A 291 -16.99 -15.43 -28.07
C ARG A 291 -16.13 -15.11 -29.30
N LEU A 292 -16.65 -15.45 -30.47
CA LEU A 292 -15.92 -15.29 -31.72
C LEU A 292 -16.23 -13.97 -32.42
N ASP A 293 -17.53 -13.66 -32.60
CA ASP A 293 -17.89 -12.49 -33.38
C ASP A 293 -17.41 -11.21 -32.72
N ARG A 294 -17.60 -11.09 -31.40
CA ARG A 294 -17.16 -9.89 -30.70
C ARG A 294 -15.64 -9.75 -30.72
N GLY A 295 -14.92 -10.87 -30.56
CA GLY A 295 -13.47 -10.81 -30.66
C GLY A 295 -12.99 -10.37 -32.03
N LEU A 296 -13.62 -10.89 -33.08
CA LEU A 296 -13.27 -10.47 -34.44
C LEU A 296 -13.56 -8.98 -34.63
N ARG A 297 -14.70 -8.51 -34.11
CA ARG A 297 -15.03 -7.10 -34.23
C ARG A 297 -14.00 -6.23 -33.51
N GLU A 298 -13.59 -6.64 -32.31
CA GLU A 298 -12.58 -5.88 -31.57
C GLU A 298 -11.24 -5.88 -32.30
N LEU A 299 -10.86 -7.03 -32.87
CA LEU A 299 -9.61 -7.09 -33.63
C LEU A 299 -9.65 -6.15 -34.81
N GLN A 300 -10.76 -6.13 -35.55
CA GLN A 300 -10.88 -5.21 -36.68
C GLN A 300 -10.83 -3.76 -36.22
N ARG A 301 -11.48 -3.46 -35.09
CA ARG A 301 -11.44 -2.10 -34.56
C ARG A 301 -10.00 -1.67 -34.26
N VAL A 302 -9.24 -2.55 -33.59
CA VAL A 302 -7.87 -2.19 -33.25
C VAL A 302 -7.04 -2.05 -34.51
N ALA A 303 -7.23 -2.93 -35.49
CA ALA A 303 -6.48 -2.83 -36.74
C ALA A 303 -6.77 -1.51 -37.44
N ALA A 304 -8.03 -1.08 -37.46
CA ALA A 304 -8.36 0.22 -38.04
C ALA A 304 -7.71 1.34 -37.24
N ILE A 305 -7.68 1.22 -35.91
CA ILE A 305 -7.04 2.23 -35.08
C ILE A 305 -5.55 2.31 -35.39
N ASN A 306 -4.90 1.17 -35.55
CA ASN A 306 -3.44 1.12 -35.64
C ASN A 306 -2.90 1.62 -36.98
N GLY A 307 -3.77 1.88 -37.96
CA GLY A 307 -3.33 2.40 -39.24
C GLY A 307 -3.21 1.37 -40.34
N LYS A 308 -3.64 0.13 -40.12
CA LYS A 308 -3.62 -0.92 -41.12
C LYS A 308 -5.07 -1.38 -41.34
N ARG A 309 -5.68 -0.86 -42.40
CA ARG A 309 -7.10 -1.15 -42.68
C ARG A 309 -7.26 -2.38 -43.56
N ALA A 310 -6.45 -2.51 -44.60
CA ALA A 310 -6.59 -3.63 -45.51
C ALA A 310 -6.37 -4.96 -44.81
N VAL A 311 -5.36 -5.02 -43.93
CA VAL A 311 -5.07 -6.26 -43.22
C VAL A 311 -6.29 -6.69 -42.39
N GLY A 312 -6.86 -5.75 -41.63
CA GLY A 312 -8.03 -6.08 -40.85
C GLY A 312 -9.23 -6.46 -41.69
N ASP A 313 -9.38 -5.83 -42.86
CA ASP A 313 -10.51 -6.14 -43.73
C ASP A 313 -10.44 -7.57 -44.23
N THR A 314 -9.23 -8.04 -44.60
CA THR A 314 -9.08 -9.38 -45.15
C THR A 314 -9.38 -10.48 -44.14
N LEU A 315 -9.44 -10.16 -42.85
CA LEU A 315 -9.68 -11.18 -41.84
C LEU A 315 -11.08 -11.78 -41.99
N THR A 316 -11.18 -13.07 -41.74
CA THR A 316 -12.44 -13.79 -41.78
C THR A 316 -12.49 -14.76 -40.62
N PRO A 317 -13.68 -15.18 -40.19
CA PRO A 317 -13.77 -16.09 -39.04
C PRO A 317 -13.08 -17.42 -39.27
N GLN A 318 -12.92 -17.84 -40.53
CA GLN A 318 -12.30 -19.14 -40.80
C GLN A 318 -10.82 -19.12 -40.44
N VAL A 319 -10.11 -18.09 -40.91
CA VAL A 319 -8.70 -17.95 -40.54
C VAL A 319 -8.56 -17.76 -39.04
N LEU A 320 -9.49 -17.03 -38.43
CA LEU A 320 -9.46 -16.83 -36.99
C LEU A 320 -9.56 -18.16 -36.24
N LEU A 321 -10.47 -19.03 -36.68
CA LEU A 321 -10.60 -20.34 -36.05
C LEU A 321 -9.36 -21.19 -36.29
N SER A 322 -8.83 -21.17 -37.52
CA SER A 322 -7.67 -22.00 -37.84
C SER A 322 -6.45 -21.58 -37.03
N ALA A 323 -6.22 -20.27 -36.88
CA ALA A 323 -5.01 -19.80 -36.25
C ALA A 323 -4.99 -20.07 -34.75
N MET A 324 -6.16 -20.19 -34.12
CA MET A 324 -6.26 -20.42 -32.70
C MET A 324 -6.53 -21.87 -32.35
N GLN A 325 -6.36 -22.80 -33.30
CA GLN A 325 -6.57 -24.20 -33.00
C GLN A 325 -5.58 -24.71 -31.96
N GLU A 326 -4.38 -24.12 -31.91
CA GLU A 326 -3.38 -24.58 -30.95
C GLU A 326 -3.87 -24.42 -29.52
N GLU A 327 -4.48 -23.27 -29.20
CA GLU A 327 -4.99 -23.05 -27.86
C GLU A 327 -6.22 -23.91 -27.58
N LEU A 328 -7.12 -24.03 -28.57
CA LEU A 328 -8.34 -24.80 -28.36
C LEU A 328 -8.05 -26.27 -28.12
N SER A 329 -7.10 -26.85 -28.87
CA SER A 329 -6.82 -28.27 -28.75
C SER A 329 -6.33 -28.61 -27.35
N VAL A 330 -5.45 -27.79 -26.79
CA VAL A 330 -4.93 -28.02 -25.45
C VAL A 330 -5.57 -27.03 -24.49
N GLY A 331 -6.66 -27.43 -23.86
CA GLY A 331 -7.34 -26.58 -22.91
C GLY A 331 -6.68 -26.62 -21.55
N GLN A 332 -5.53 -25.96 -21.43
CA GLN A 332 -4.76 -25.99 -20.20
C GLN A 332 -5.64 -25.66 -19.01
N ALA A 333 -5.80 -26.64 -18.12
CA ALA A 333 -6.59 -26.48 -16.90
C ALA A 333 -5.66 -26.19 -15.73
N PRO A 334 -5.89 -25.14 -14.95
CA PRO A 334 -5.00 -24.86 -13.81
C PRO A 334 -4.86 -26.08 -12.91
N ALA A 335 -3.62 -26.42 -12.60
CA ALA A 335 -3.33 -27.57 -11.75
C ALA A 335 -3.29 -27.12 -10.29
N SER A 336 -3.91 -27.92 -9.42
CA SER A 336 -3.96 -27.60 -8.01
C SER A 336 -2.60 -27.89 -7.36
N LEU A 337 -2.49 -27.57 -6.07
CA LEU A 337 -1.25 -27.81 -5.34
C LEU A 337 -0.97 -29.28 -5.11
N GLY A 338 -1.93 -30.17 -5.40
CA GLY A 338 -1.70 -31.59 -5.19
C GLY A 338 -0.50 -32.11 -5.94
N THR A 339 -0.17 -31.51 -7.08
CA THR A 339 0.98 -31.91 -7.88
C THR A 339 2.17 -30.98 -7.70
N LEU A 340 2.16 -30.11 -6.70
CA LEU A 340 3.23 -29.15 -6.46
C LEU A 340 3.98 -29.45 -5.18
N LEU A 341 3.29 -29.50 -4.05
CA LEU A 341 3.93 -29.76 -2.76
C LEU A 341 4.27 -31.23 -2.56
N ARG A 342 3.68 -32.13 -3.35
CA ARG A 342 3.88 -33.56 -3.13
C ARG A 342 5.30 -33.99 -3.51
N THR A 343 5.89 -33.38 -4.54
CA THR A 343 7.24 -33.77 -4.95
C THR A 343 8.24 -33.30 -3.91
N PRO A 344 8.99 -34.20 -3.25
CA PRO A 344 9.92 -33.74 -2.21
C PRO A 344 10.97 -32.76 -2.71
N GLY A 345 11.48 -32.97 -3.93
CA GLY A 345 12.60 -32.16 -4.40
C GLY A 345 12.25 -30.68 -4.51
N LEU A 346 11.01 -30.36 -4.85
CA LEU A 346 10.58 -28.99 -5.09
C LEU A 346 10.06 -28.30 -3.82
N ARG A 347 10.04 -28.99 -2.69
CA ARG A 347 9.46 -28.42 -1.48
C ARG A 347 10.25 -27.19 -1.02
N LEU A 348 11.58 -27.30 -1.00
CA LEU A 348 12.40 -26.20 -0.48
C LEU A 348 12.19 -24.93 -1.29
N ARG A 349 12.12 -25.06 -2.62
CA ARG A 349 11.95 -23.89 -3.47
C ARG A 349 10.68 -23.14 -3.10
N THR A 350 9.56 -23.86 -3.00
CA THR A 350 8.29 -23.22 -2.67
C THR A 350 8.32 -22.61 -1.27
N CYS A 351 8.90 -23.34 -0.30
CA CYS A 351 8.99 -22.82 1.06
C CYS A 351 9.74 -21.49 1.08
N ILE A 352 10.90 -21.44 0.43
CA ILE A 352 11.73 -20.24 0.48
C ILE A 352 11.07 -19.10 -0.29
N SER A 353 10.47 -19.40 -1.45
CA SER A 353 9.82 -18.35 -2.23
C SER A 353 8.68 -17.72 -1.45
N THR A 354 7.83 -18.55 -0.84
CA THR A 354 6.73 -18.02 -0.04
C THR A 354 7.26 -17.26 1.17
N LEU A 355 8.37 -17.74 1.76
CA LEU A 355 8.98 -17.01 2.87
C LEU A 355 9.37 -15.60 2.45
N CYS A 356 10.02 -15.47 1.29
CA CYS A 356 10.42 -14.15 0.81
C CYS A 356 9.22 -13.28 0.53
N TRP A 357 8.23 -13.81 -0.16
CA TRP A 357 7.04 -13.03 -0.48
C TRP A 357 6.34 -12.56 0.81
N PHE A 358 6.18 -13.40 1.83
CA PHE A 358 5.58 -12.98 3.09
C PHE A 358 6.45 -11.95 3.81
N ALA A 359 7.76 -12.17 3.83
CA ALA A 359 8.65 -11.25 4.53
C ALA A 359 8.51 -9.84 3.97
N PHE A 360 8.53 -9.69 2.65
CA PHE A 360 8.37 -8.35 2.07
C PHE A 360 6.95 -7.82 2.18
N GLY A 361 5.95 -8.67 2.14
CA GLY A 361 4.61 -8.16 2.24
C GLY A 361 4.35 -7.65 3.63
N PHE A 362 4.97 -8.27 4.61
CA PHE A 362 4.79 -7.92 6.01
C PHE A 362 5.59 -6.68 6.38
N THR A 363 6.91 -6.74 6.20
CA THR A 363 7.77 -5.67 6.70
C THR A 363 7.49 -4.35 5.98
N PHE A 364 7.06 -4.34 4.72
CA PHE A 364 6.99 -3.09 4.02
C PHE A 364 5.73 -2.41 4.28
N PHE A 365 4.71 -3.15 4.64
CA PHE A 365 3.49 -2.48 4.93
C PHE A 365 3.54 -2.05 6.33
N GLY A 366 4.14 -2.86 7.26
CA GLY A 366 4.26 -2.54 8.67
C GLY A 366 5.12 -1.33 8.93
N LEU A 367 6.11 -1.09 8.08
CA LEU A 367 6.99 0.07 8.24
C LEU A 367 6.43 1.32 7.56
N ALA A 368 5.87 1.19 6.35
CA ALA A 368 5.43 2.36 5.61
C ALA A 368 4.20 2.99 6.25
N LEU A 369 3.31 2.18 6.82
CA LEU A 369 2.06 2.74 7.34
C LEU A 369 2.31 3.68 8.52
N ASP A 370 3.26 3.35 9.39
CA ASP A 370 3.58 4.19 10.55
C ASP A 370 4.80 5.07 10.26
N LEU A 371 4.68 5.83 9.17
CA LEU A 371 5.82 6.60 8.66
C LEU A 371 6.33 7.64 9.66
N GLN A 372 5.51 8.03 10.65
CA GLN A 372 5.95 9.04 11.60
C GLN A 372 7.13 8.57 12.43
N ALA A 373 7.08 7.33 12.94
CA ALA A 373 8.12 6.84 13.84
C ALA A 373 9.47 6.74 13.15
N LEU A 374 9.50 6.69 11.81
CA LEU A 374 10.77 6.50 11.11
C LEU A 374 11.61 7.78 11.11
N GLY A 375 10.97 8.93 10.89
CA GLY A 375 11.70 10.19 10.80
C GLY A 375 11.06 11.32 11.55
N SER A 376 11.34 12.56 11.13
CA SER A 376 10.84 13.74 11.81
C SER A 376 9.54 14.26 11.19
N ASN A 377 9.59 14.63 9.91
CA ASN A 377 8.44 15.17 9.19
C ASN A 377 8.03 14.23 8.08
N ILE A 378 6.71 14.00 7.97
CA ILE A 378 6.21 12.97 7.07
C ILE A 378 6.40 13.36 5.61
N PHE A 379 6.22 14.65 5.28
CA PHE A 379 6.23 15.07 3.88
C PHE A 379 7.58 14.77 3.23
N LEU A 380 8.67 15.13 3.90
CA LEU A 380 9.99 14.90 3.32
C LEU A 380 10.27 13.42 3.15
N LEU A 381 9.86 12.61 4.13
CA LEU A 381 10.05 11.16 4.01
C LEU A 381 9.28 10.61 2.82
N GLN A 382 8.04 11.05 2.63
CA GLN A 382 7.24 10.58 1.49
C GLN A 382 7.90 10.97 0.17
N VAL A 383 8.32 12.23 0.08
CA VAL A 383 8.95 12.70 -1.16
C VAL A 383 10.21 11.90 -1.45
N LEU A 384 11.04 11.68 -0.43
CA LEU A 384 12.30 10.98 -0.65
C LEU A 384 12.06 9.51 -0.98
N ILE A 385 11.06 8.88 -0.37
CA ILE A 385 10.73 7.51 -0.74
C ILE A 385 10.34 7.45 -2.21
N GLY A 386 9.45 8.35 -2.64
CA GLY A 386 9.04 8.36 -4.03
C GLY A 386 10.20 8.59 -4.98
N VAL A 387 11.11 9.50 -4.61
CA VAL A 387 12.22 9.82 -5.50
C VAL A 387 13.22 8.66 -5.55
N VAL A 388 13.48 8.01 -4.42
CA VAL A 388 14.54 7.02 -4.36
C VAL A 388 14.07 5.68 -4.91
N ASP A 389 12.79 5.40 -4.96
CA ASP A 389 12.34 4.11 -5.37
C ASP A 389 12.67 3.85 -6.79
N ILE A 390 12.60 4.89 -7.59
CA ILE A 390 12.81 4.77 -9.04
C ILE A 390 14.22 4.29 -9.37
N PRO A 391 15.28 5.00 -8.93
CA PRO A 391 16.63 4.55 -9.30
C PRO A 391 16.95 3.14 -8.86
N ALA A 392 16.48 2.73 -7.68
CA ALA A 392 16.72 1.35 -7.24
C ALA A 392 16.06 0.36 -8.16
N LYS A 393 14.81 0.62 -8.56
CA LYS A 393 14.06 -0.24 -9.49
C LYS A 393 14.67 -0.28 -10.88
N ILE A 394 15.31 0.77 -11.32
CA ILE A 394 15.99 0.76 -12.60
C ILE A 394 17.31 0.00 -12.49
N GLY A 395 18.04 0.18 -11.37
CA GLY A 395 19.32 -0.46 -11.23
C GLY A 395 19.23 -1.96 -10.96
N THR A 396 18.12 -2.41 -10.38
CA THR A 396 17.96 -3.84 -10.13
C THR A 396 17.98 -4.63 -11.44
N LEU A 397 17.36 -4.10 -12.49
CA LEU A 397 17.36 -4.81 -13.77
C LEU A 397 18.78 -4.95 -14.32
N LEU A 398 19.56 -3.87 -14.26
CA LEU A 398 20.95 -3.95 -14.73
C LEU A 398 21.74 -4.94 -13.89
N LEU A 399 21.53 -4.94 -12.57
CA LEU A 399 22.21 -5.90 -11.71
C LEU A 399 21.86 -7.33 -12.13
N LEU A 400 20.58 -7.59 -12.35
CA LEU A 400 20.17 -8.93 -12.78
C LEU A 400 20.81 -9.30 -14.10
N SER A 401 20.89 -8.35 -15.03
CA SER A 401 21.51 -8.64 -16.32
C SER A 401 22.98 -9.03 -16.14
N ARG A 402 23.72 -8.26 -15.35
CA ARG A 402 25.16 -8.48 -15.20
C ARG A 402 25.52 -9.16 -13.89
N LEU A 403 24.55 -9.69 -13.15
CA LEU A 403 24.83 -10.43 -11.93
C LEU A 403 23.73 -11.46 -11.72
N GLY A 404 24.03 -12.46 -10.89
CA GLY A 404 23.07 -13.51 -10.63
C GLY A 404 21.83 -12.98 -9.94
N ARG A 405 20.74 -13.75 -10.08
CA ARG A 405 19.49 -13.39 -9.43
C ARG A 405 19.54 -13.66 -7.93
N ARG A 406 20.10 -14.81 -7.54
CA ARG A 406 20.15 -15.17 -6.12
C ARG A 406 21.00 -14.21 -5.31
N PRO A 407 22.25 -13.90 -5.69
CA PRO A 407 23.02 -12.91 -4.91
C PRO A 407 22.32 -11.57 -4.82
N THR A 408 21.72 -11.09 -5.90
CA THR A 408 21.04 -9.80 -5.86
C THR A 408 19.88 -9.83 -4.88
N GLN A 409 19.06 -10.89 -4.94
CA GLN A 409 17.93 -10.99 -4.04
C GLN A 409 18.37 -11.01 -2.57
N ALA A 410 19.34 -11.88 -2.27
CA ALA A 410 19.80 -12.00 -0.89
C ALA A 410 20.40 -10.69 -0.40
N ALA A 411 21.25 -10.06 -1.21
CA ALA A 411 21.89 -8.82 -0.79
C ALA A 411 20.87 -7.71 -0.58
N SER A 412 19.92 -7.56 -1.51
CA SER A 412 18.92 -6.51 -1.35
C SER A 412 18.11 -6.71 -0.08
N LEU A 413 17.63 -7.93 0.15
CA LEU A 413 16.81 -8.17 1.33
C LEU A 413 17.60 -7.94 2.61
N VAL A 414 18.83 -8.46 2.67
CA VAL A 414 19.63 -8.32 3.89
C VAL A 414 19.93 -6.86 4.14
N LEU A 415 20.30 -6.10 3.10
CA LEU A 415 20.64 -4.70 3.30
C LEU A 415 19.42 -3.90 3.73
N ALA A 416 18.26 -4.16 3.15
CA ALA A 416 17.05 -3.47 3.59
C ALA A 416 16.77 -3.73 5.06
N GLY A 417 16.80 -5.01 5.46
CA GLY A 417 16.55 -5.35 6.85
C GLY A 417 17.56 -4.71 7.79
N LEU A 418 18.84 -4.73 7.40
CA LEU A 418 19.88 -4.21 8.27
C LEU A 418 19.77 -2.69 8.41
N CYS A 419 19.44 -1.98 7.33
CA CYS A 419 19.22 -0.55 7.42
C CYS A 419 18.04 -0.24 8.34
N ILE A 420 16.94 -0.99 8.18
CA ILE A 420 15.79 -0.76 9.05
C ILE A 420 16.15 -0.98 10.50
N LEU A 421 16.91 -2.05 10.79
CA LEU A 421 17.33 -2.32 12.16
C LEU A 421 18.23 -1.21 12.69
N ALA A 422 19.18 -0.76 11.88
CA ALA A 422 20.10 0.30 12.32
C ALA A 422 19.37 1.61 12.57
N ASN A 423 18.24 1.83 11.90
CA ASN A 423 17.50 3.07 12.11
C ASN A 423 17.11 3.25 13.58
N THR A 424 16.80 2.16 14.27
CA THR A 424 16.34 2.26 15.65
C THR A 424 17.48 2.59 16.61
N LEU A 425 18.64 1.98 16.40
CA LEU A 425 19.72 2.08 17.39
C LEU A 425 20.20 3.52 17.54
N VAL A 426 20.31 4.25 16.44
CA VAL A 426 20.86 5.60 16.44
C VAL A 426 19.96 6.51 17.29
N PRO A 427 20.50 7.55 17.92
CA PRO A 427 19.68 8.40 18.79
C PRO A 427 18.67 9.24 18.01
N HIS A 428 17.84 9.99 18.71
CA HIS A 428 16.87 10.88 18.09
C HIS A 428 17.43 12.28 17.85
N GLU A 429 18.65 12.56 18.30
CA GLU A 429 19.25 13.86 18.06
C GLU A 429 19.46 14.09 16.57
N MET A 430 19.89 13.06 15.84
CA MET A 430 20.21 13.17 14.42
C MET A 430 18.99 12.71 13.63
N GLY A 431 18.10 13.66 13.32
CA GLY A 431 16.95 13.34 12.50
C GLY A 431 17.32 13.03 11.06
N ALA A 432 18.31 13.75 10.53
CA ALA A 432 18.68 13.57 9.13
C ALA A 432 19.17 12.15 8.86
N LEU A 433 20.07 11.65 9.71
CA LEU A 433 20.58 10.30 9.50
C LEU A 433 19.50 9.24 9.67
N ARG A 434 18.62 9.43 10.66
CA ARG A 434 17.52 8.50 10.84
C ARG A 434 16.64 8.45 9.60
N SER A 435 16.27 9.62 9.06
CA SER A 435 15.45 9.67 7.87
C SER A 435 16.14 9.03 6.68
N ALA A 436 17.45 9.29 6.52
CA ALA A 436 18.17 8.71 5.40
C ALA A 436 18.22 7.19 5.51
N LEU A 437 18.45 6.67 6.71
CA LEU A 437 18.48 5.22 6.91
C LEU A 437 17.11 4.61 6.60
N ALA A 438 16.04 5.25 7.04
CA ALA A 438 14.70 4.75 6.75
C ALA A 438 14.42 4.74 5.25
N VAL A 439 14.81 5.82 4.56
CA VAL A 439 14.56 5.90 3.12
C VAL A 439 15.33 4.83 2.38
N LEU A 440 16.60 4.61 2.76
CA LEU A 440 17.37 3.54 2.14
C LEU A 440 16.75 2.17 2.39
N GLY A 441 16.26 1.95 3.61
CA GLY A 441 15.61 0.67 3.90
C GLY A 441 14.38 0.44 3.04
N LEU A 442 13.54 1.46 2.89
CA LEU A 442 12.35 1.32 2.06
C LEU A 442 12.72 1.09 0.60
N GLY A 443 13.73 1.80 0.10
CA GLY A 443 14.19 1.57 -1.26
C GLY A 443 14.69 0.16 -1.46
N GLY A 444 15.44 -0.36 -0.49
CA GLY A 444 15.91 -1.73 -0.57
C GLY A 444 14.77 -2.74 -0.59
N LEU A 445 13.74 -2.49 0.23
CA LEU A 445 12.59 -3.39 0.22
C LEU A 445 11.90 -3.38 -1.13
N GLY A 446 11.78 -2.20 -1.73
CA GLY A 446 11.18 -2.05 -3.05
C GLY A 446 11.96 -2.81 -4.08
N ALA A 447 13.28 -2.70 -4.04
CA ALA A 447 14.16 -3.42 -4.96
C ALA A 447 14.02 -4.93 -4.78
N ALA A 448 13.97 -5.39 -3.53
CA ALA A 448 13.84 -6.81 -3.26
C ALA A 448 12.52 -7.35 -3.84
N PHE A 449 11.47 -6.55 -3.72
CA PHE A 449 10.16 -6.94 -4.24
C PHE A 449 10.14 -7.04 -5.73
N THR A 450 10.77 -6.11 -6.43
CA THR A 450 10.80 -6.17 -7.90
C THR A 450 11.70 -7.30 -8.37
N CYS A 451 12.74 -7.64 -7.61
CA CYS A 451 13.61 -8.75 -8.00
C CYS A 451 12.93 -10.10 -7.80
N ILE A 452 12.27 -10.29 -6.64
CA ILE A 452 11.64 -11.58 -6.37
C ILE A 452 10.48 -11.81 -7.33
N THR A 453 9.80 -10.75 -7.76
CA THR A 453 8.73 -10.93 -8.72
C THR A 453 9.22 -11.66 -9.96
N ILE A 454 10.36 -11.23 -10.51
CA ILE A 454 10.92 -11.89 -11.68
C ILE A 454 11.49 -13.26 -11.30
N TYR A 455 12.16 -13.35 -10.15
CA TYR A 455 12.86 -14.58 -9.81
C TYR A 455 11.91 -15.74 -9.58
N SER A 456 10.73 -15.49 -9.03
CA SER A 456 9.82 -16.58 -8.69
C SER A 456 9.43 -17.39 -9.91
N GLY A 457 9.09 -16.72 -11.01
CA GLY A 457 8.60 -17.42 -12.18
C GLY A 457 9.64 -18.34 -12.81
N GLU A 458 10.91 -17.91 -12.78
CA GLU A 458 11.96 -18.67 -13.46
C GLU A 458 12.23 -20.00 -12.78
N LEU A 459 12.02 -20.09 -11.47
CA LEU A 459 12.41 -21.29 -10.73
C LEU A 459 11.67 -22.52 -11.22
N PHE A 460 10.34 -22.43 -11.30
CA PHE A 460 9.50 -23.61 -11.51
C PHE A 460 9.27 -23.86 -12.99
N PRO A 461 8.84 -25.06 -13.35
CA PRO A 461 8.52 -25.33 -14.76
C PRO A 461 7.42 -24.40 -15.26
N THR A 462 7.16 -24.47 -16.57
CA THR A 462 6.15 -23.60 -17.17
C THR A 462 4.76 -23.93 -16.66
N VAL A 463 4.45 -25.21 -16.49
CA VAL A 463 3.09 -25.61 -16.14
C VAL A 463 2.74 -25.16 -14.73
N LEU A 464 3.69 -25.24 -13.80
CA LEU A 464 3.43 -24.98 -12.39
C LEU A 464 3.74 -23.54 -11.98
N ARG A 465 4.12 -22.67 -12.92
CA ARG A 465 4.53 -21.32 -12.54
C ARG A 465 3.37 -20.52 -11.97
N MET A 466 2.18 -20.64 -12.58
CA MET A 466 1.06 -19.81 -12.15
C MET A 466 0.65 -20.13 -10.72
N THR A 467 0.61 -21.41 -10.35
CA THR A 467 0.22 -21.78 -8.99
C THR A 467 1.21 -21.22 -7.98
N ALA A 468 2.51 -21.31 -8.27
CA ALA A 468 3.51 -20.79 -7.35
C ALA A 468 3.41 -19.27 -7.23
N VAL A 469 3.19 -18.58 -8.35
CA VAL A 469 3.05 -17.13 -8.29
C VAL A 469 1.84 -16.74 -7.47
N GLY A 470 0.71 -17.44 -7.66
CA GLY A 470 -0.46 -17.15 -6.86
C GLY A 470 -0.25 -17.41 -5.38
N LEU A 471 0.44 -18.51 -5.07
CA LEU A 471 0.75 -18.81 -3.67
C LEU A 471 1.62 -17.71 -3.07
N GLY A 472 2.62 -17.25 -3.81
CA GLY A 472 3.45 -16.17 -3.32
C GLY A 472 2.66 -14.89 -3.09
N GLN A 473 1.76 -14.56 -4.02
CA GLN A 473 0.95 -13.35 -3.86
C GLN A 473 0.05 -13.45 -2.64
N MET A 474 -0.58 -14.61 -2.43
CA MET A 474 -1.43 -14.78 -1.25
C MET A 474 -0.61 -14.67 0.03
N ALA A 475 0.59 -15.28 0.04
CA ALA A 475 1.44 -15.17 1.22
C ALA A 475 1.82 -13.72 1.49
N ALA A 476 2.20 -13.02 0.43
CA ALA A 476 2.61 -11.64 0.51
C ALA A 476 1.48 -10.77 0.92
N ARG A 477 0.24 -11.17 0.64
CA ARG A 477 -0.87 -10.34 1.08
C ARG A 477 -1.13 -10.63 2.53
N GLY A 478 -1.19 -11.91 2.97
CA GLY A 478 -1.38 -12.30 4.35
C GLY A 478 -0.37 -11.63 5.27
N GLY A 479 0.89 -11.58 4.84
CA GLY A 479 1.89 -10.87 5.63
C GLY A 479 1.58 -9.40 5.77
N ALA A 480 1.04 -8.79 4.73
CA ALA A 480 0.68 -7.41 4.80
C ALA A 480 -0.37 -7.25 5.84
N ILE A 481 -1.41 -8.08 5.80
CA ILE A 481 -2.47 -7.98 6.80
C ILE A 481 -1.90 -8.11 8.21
N LEU A 482 -1.00 -9.07 8.41
CA LEU A 482 -0.47 -9.31 9.75
C LEU A 482 0.51 -8.24 10.19
N GLY A 483 1.01 -7.42 9.26
CA GLY A 483 1.99 -6.41 9.59
C GLY A 483 1.53 -5.40 10.63
N PRO A 484 0.45 -4.68 10.33
CA PRO A 484 0.02 -3.61 11.26
C PRO A 484 -0.28 -4.11 12.66
N LEU A 485 -0.74 -5.35 12.83
CA LEU A 485 -1.10 -5.84 14.15
C LEU A 485 0.09 -5.89 15.10
N VAL A 486 1.32 -5.91 14.58
CA VAL A 486 2.49 -6.01 15.44
C VAL A 486 2.63 -4.79 16.32
N ARG A 487 2.09 -3.65 15.89
CA ARG A 487 2.29 -2.41 16.63
C ARG A 487 1.62 -2.43 17.99
N LEU A 488 0.73 -3.39 18.27
CA LEU A 488 0.10 -3.47 19.57
C LEU A 488 1.12 -3.75 20.68
N LEU A 489 2.32 -4.17 20.32
CA LEU A 489 3.40 -4.35 21.29
C LEU A 489 4.12 -3.06 21.62
N GLY A 490 3.75 -1.94 20.99
CA GLY A 490 4.42 -0.67 21.22
C GLY A 490 4.22 -0.11 22.62
N VAL A 491 3.33 -0.71 23.41
CA VAL A 491 3.17 -0.26 24.80
C VAL A 491 4.46 -0.47 25.58
N HIS A 492 5.14 -1.59 25.35
CA HIS A 492 6.42 -1.82 26.00
C HIS A 492 7.45 -0.78 25.55
N GLY A 493 7.45 -0.44 24.27
CA GLY A 493 8.33 0.57 23.74
C GLY A 493 8.28 0.60 22.23
N PRO A 494 8.54 1.76 21.62
CA PRO A 494 8.50 1.86 20.16
C PRO A 494 9.61 1.07 19.47
N TRP A 495 10.62 0.64 20.22
CA TRP A 495 11.77 -0.03 19.61
C TRP A 495 11.48 -1.48 19.23
N LEU A 496 10.57 -2.15 19.94
CA LEU A 496 10.33 -3.56 19.66
C LEU A 496 9.74 -3.80 18.28
N PRO A 497 8.71 -3.06 17.84
CA PRO A 497 8.21 -3.28 16.47
C PRO A 497 9.28 -3.08 15.42
N LEU A 498 10.13 -2.07 15.58
CA LEU A 498 11.19 -1.83 14.61
C LEU A 498 12.22 -2.94 14.65
N LEU A 499 12.52 -3.47 15.85
CA LEU A 499 13.43 -4.60 15.94
C LEU A 499 12.89 -5.81 15.19
N VAL A 500 11.60 -6.08 15.33
CA VAL A 500 11.00 -7.21 14.63
C VAL A 500 11.04 -6.98 13.12
N TYR A 501 10.67 -5.77 12.69
CA TYR A 501 10.68 -5.45 11.26
C TYR A 501 12.10 -5.52 10.68
N GLY A 502 13.12 -5.31 11.51
CA GLY A 502 14.48 -5.42 11.03
C GLY A 502 15.01 -6.84 11.05
N THR A 503 14.57 -7.64 12.02
CA THR A 503 15.06 -9.02 12.10
C THR A 503 14.43 -9.92 11.05
N VAL A 504 13.16 -9.73 10.72
CA VAL A 504 12.49 -10.62 9.77
C VAL A 504 13.18 -10.59 8.40
N PRO A 505 13.37 -9.42 7.76
CA PRO A 505 14.00 -9.41 6.44
C PRO A 505 15.41 -9.99 6.43
N VAL A 506 16.18 -9.77 7.49
CA VAL A 506 17.55 -10.30 7.52
C VAL A 506 17.53 -11.81 7.45
N LEU A 507 16.68 -12.44 8.26
CA LEU A 507 16.59 -13.90 8.24
C LEU A 507 16.05 -14.40 6.92
N SER A 508 15.04 -13.72 6.35
CA SER A 508 14.52 -14.14 5.05
C SER A 508 15.61 -14.08 3.98
N GLY A 509 16.39 -13.00 3.97
CA GLY A 509 17.44 -12.87 2.97
C GLY A 509 18.55 -13.90 3.15
N LEU A 510 18.94 -14.16 4.40
CA LEU A 510 19.93 -15.21 4.63
C LEU A 510 19.41 -16.56 4.16
N ALA A 511 18.14 -16.86 4.42
CA ALA A 511 17.58 -18.13 3.98
C ALA A 511 17.52 -18.21 2.46
N ALA A 512 17.23 -17.09 1.79
CA ALA A 512 17.09 -17.08 0.33
C ALA A 512 18.41 -17.29 -0.41
N LEU A 513 19.53 -17.58 0.25
CA LEU A 513 20.78 -17.87 -0.42
C LEU A 513 20.93 -19.35 -0.78
N LEU A 514 19.97 -20.19 -0.39
CA LEU A 514 20.12 -21.63 -0.56
C LEU A 514 19.54 -22.13 -1.88
N LEU A 515 18.40 -21.59 -2.31
CA LEU A 515 17.75 -22.09 -3.51
C LEU A 515 18.64 -21.83 -4.73
N PRO A 516 18.55 -22.68 -5.75
CA PRO A 516 19.52 -22.60 -6.86
C PRO A 516 19.36 -21.32 -7.67
N GLU A 517 20.40 -21.00 -8.42
CA GLU A 517 20.41 -19.82 -9.25
C GLU A 517 19.53 -20.01 -10.49
N THR A 518 19.08 -18.90 -11.05
CA THR A 518 18.24 -18.91 -12.24
C THR A 518 16.93 -19.64 -11.95
#